data_2GE5
#
_entry.id   2GE5
#
_cell.length_a   67.101
_cell.length_b   67.101
_cell.length_c   259.892
_cell.angle_alpha   90.00
_cell.angle_beta   90.00
_cell.angle_gamma   90.00
#
_symmetry.space_group_name_H-M   'P 43 21 2'
#
loop_
_entity.id
_entity.type
_entity.pdbx_description
1 polymer "5'-D(*AP*AP*AP*GP*AP*TP*AP*TP*CP*TP*T)-3'"
2 polymer 'Type II restriction enzyme EcoRV'
3 non-polymer 'CALCIUM ION'
4 water water
#
loop_
_entity_poly.entity_id
_entity_poly.type
_entity_poly.pdbx_seq_one_letter_code
_entity_poly.pdbx_strand_id
1 'polydeoxyribonucleotide' (DA)(DA)(DA)(DG)(DA)(DT)(DA)(DT)(DC)(DT)(DT) C,D
2 'polypeptide(L)'
;SLRSDLINALYDENQKYDVCGIISAEGKIYPLGSDTKVLSTIFELFSRPIINKIAEKHGYIVEEPKQQNHYPDFTLYKPS
EPNKKIAIDIKTTYTNKENEKIKFTLGGYTSFIRNNTKNIVYPFDQYIAHWIIGYVYTRVATRKSSLKTYNINELNEIPK
PYKGVKVFLQDKWVIAGDLAGSGNTTNIGSIHAHYKDFVEGKGIFDSEDEFLDYWRNYE
;
A,B
#
loop_
_chem_comp.id
_chem_comp.type
_chem_comp.name
_chem_comp.formula
CA non-polymer 'CALCIUM ION' 'Ca 2'
DA DNA linking 2'-DEOXYADENOSINE-5'-MONOPHOSPHATE 'C10 H14 N5 O6 P'
DC DNA linking 2'-DEOXYCYTIDINE-5'-MONOPHOSPHATE 'C9 H14 N3 O7 P'
DG DNA linking 2'-DEOXYGUANOSINE-5'-MONOPHOSPHATE 'C10 H14 N5 O7 P'
DT DNA linking THYMIDINE-5'-MONOPHOSPHATE 'C10 H15 N2 O8 P'
#
# COMPACT_ATOMS: atom_id res chain seq x y z
N SER C 1 -7.49 -31.22 -0.96
CA SER C 1 -6.10 -30.87 -1.39
C SER C 1 -5.71 -29.46 -0.98
N LEU C 2 -4.41 -29.17 -1.06
CA LEU C 2 -3.90 -27.86 -0.74
C LEU C 2 -4.74 -26.79 -1.43
N ARG C 3 -4.69 -26.80 -2.75
CA ARG C 3 -5.42 -25.82 -3.55
C ARG C 3 -6.91 -25.79 -3.27
N SER C 4 -7.50 -26.96 -3.08
CA SER C 4 -8.94 -27.04 -2.83
C SER C 4 -9.25 -26.53 -1.42
N ASP C 5 -8.35 -26.73 -0.48
CA ASP C 5 -8.58 -26.26 0.87
C ASP C 5 -8.35 -24.77 1.00
N LEU C 6 -7.33 -24.27 0.31
CA LEU C 6 -7.00 -22.85 0.35
C LEU C 6 -8.17 -22.04 -0.20
N ILE C 7 -8.58 -22.33 -1.42
CA ILE C 7 -9.67 -21.60 -2.01
C ILE C 7 -10.90 -21.63 -1.10
N ASN C 8 -11.08 -22.70 -0.36
CA ASN C 8 -12.23 -22.83 0.53
C ASN C 8 -12.05 -22.03 1.81
N ALA C 9 -10.82 -22.00 2.31
CA ALA C 9 -10.49 -21.27 3.52
C ALA C 9 -10.63 -19.78 3.27
N LEU C 10 -10.26 -19.35 2.05
CA LEU C 10 -10.36 -17.95 1.71
C LEU C 10 -11.81 -17.51 1.67
N TYR C 11 -12.68 -18.39 1.20
CA TYR C 11 -14.12 -18.10 1.11
C TYR C 11 -14.71 -17.84 2.49
N ASP C 12 -14.18 -18.55 3.47
CA ASP C 12 -14.65 -18.42 4.84
C ASP C 12 -13.93 -17.29 5.58
N GLU C 13 -13.15 -16.47 4.87
CA GLU C 13 -12.40 -15.37 5.50
C GLU C 13 -11.69 -15.93 6.73
N ASN C 14 -11.76 -15.20 7.83
CA ASN C 14 -11.21 -15.60 9.12
C ASN C 14 -12.18 -14.86 10.06
N GLN C 15 -12.89 -15.63 10.89
CA GLN C 15 -13.93 -15.08 11.76
C GLN C 15 -14.85 -14.59 10.64
N LYS C 16 -14.73 -13.34 10.24
CA LYS C 16 -15.54 -12.92 9.11
C LYS C 16 -14.99 -11.72 8.35
N TYR C 17 -15.46 -11.57 7.11
CA TYR C 17 -14.98 -10.46 6.32
C TYR C 17 -15.68 -9.19 6.64
N ASP C 18 -15.03 -8.42 7.50
CA ASP C 18 -15.53 -7.14 7.92
C ASP C 18 -14.37 -6.50 8.66
N VAL C 19 -13.34 -6.15 7.89
CA VAL C 19 -12.15 -5.49 8.41
C VAL C 19 -12.56 -4.04 8.48
N CYS C 20 -12.47 -3.41 9.65
CA CYS C 20 -12.88 -2.02 9.75
C CYS C 20 -11.77 -1.01 10.04
N GLY C 21 -10.60 -1.49 10.45
CA GLY C 21 -9.52 -0.55 10.74
C GLY C 21 -8.24 -1.14 11.29
N ILE C 22 -7.27 -0.27 11.59
CA ILE C 22 -6.01 -0.72 12.14
C ILE C 22 -6.04 -0.39 13.63
N ILE C 23 -5.74 -1.37 14.47
CA ILE C 23 -5.78 -1.11 15.90
C ILE C 23 -4.39 -0.97 16.51
N SER C 24 -4.32 -0.20 17.58
CA SER C 24 -3.05 0.01 18.26
C SER C 24 -3.00 -0.86 19.52
N ALA C 25 -1.81 -1.10 20.02
CA ALA C 25 -1.64 -1.90 21.22
C ALA C 25 -2.24 -1.15 22.39
N GLU C 26 -2.55 0.12 22.18
CA GLU C 26 -3.12 0.94 23.23
C GLU C 26 -4.62 0.74 23.25
N GLY C 27 -5.12 0.04 22.23
CA GLY C 27 -6.55 -0.22 22.14
C GLY C 27 -7.29 0.77 21.27
N LYS C 28 -6.59 1.76 20.73
CA LYS C 28 -7.22 2.78 19.85
C LYS C 28 -7.37 2.21 18.43
N ILE C 29 -8.37 2.71 17.69
CA ILE C 29 -8.63 2.22 16.34
C ILE C 29 -8.79 3.32 15.30
N TYR C 30 -8.25 3.09 14.10
CA TYR C 30 -8.35 4.06 13.01
C TYR C 30 -9.04 3.40 11.82
N PRO C 31 -9.94 4.13 11.15
CA PRO C 31 -10.70 3.69 9.98
C PRO C 31 -9.84 3.37 8.77
N LEU C 32 -10.50 3.01 7.68
CA LEU C 32 -9.80 2.67 6.45
C LEU C 32 -10.25 3.60 5.34
N GLY C 33 -9.37 3.76 4.35
CA GLY C 33 -9.68 4.61 3.21
C GLY C 33 -10.35 3.78 2.13
N SER C 34 -10.81 4.45 1.09
CA SER C 34 -11.49 3.77 -0.01
C SER C 34 -10.60 3.38 -1.18
N ASP C 35 -9.52 4.12 -1.39
CA ASP C 35 -8.59 3.85 -2.49
C ASP C 35 -7.97 2.46 -2.43
N THR C 36 -7.75 1.87 -3.60
CA THR C 36 -7.19 0.52 -3.71
C THR C 36 -5.86 0.38 -2.99
N LYS C 37 -5.04 1.42 -3.03
CA LYS C 37 -3.73 1.38 -2.38
C LYS C 37 -3.94 0.98 -0.93
N VAL C 38 -5.07 1.36 -0.36
CA VAL C 38 -5.35 1.00 1.02
C VAL C 38 -5.83 -0.44 1.15
N LEU C 39 -6.89 -0.81 0.43
CA LEU C 39 -7.44 -2.16 0.53
C LEU C 39 -6.53 -3.24 0.00
N SER C 40 -5.66 -2.85 -0.91
CA SER C 40 -4.71 -3.77 -1.50
C SER C 40 -3.87 -4.36 -0.38
N THR C 41 -3.26 -3.48 0.42
CA THR C 41 -2.43 -3.92 1.55
C THR C 41 -3.25 -4.73 2.54
N ILE C 42 -4.43 -4.23 2.85
CA ILE C 42 -5.32 -4.90 3.78
C ILE C 42 -5.63 -6.32 3.37
N PHE C 43 -6.07 -6.52 2.13
CA PHE C 43 -6.39 -7.86 1.63
C PHE C 43 -5.17 -8.76 1.76
N GLU C 44 -4.04 -8.25 1.29
CA GLU C 44 -2.78 -8.98 1.34
C GLU C 44 -2.50 -9.41 2.79
N LEU C 45 -2.71 -8.52 3.75
CA LEU C 45 -2.46 -8.84 5.16
C LEU C 45 -3.55 -9.77 5.70
N PHE C 46 -4.74 -9.66 5.12
CA PHE C 46 -5.86 -10.46 5.52
C PHE C 46 -5.65 -11.91 5.13
N SER C 47 -4.91 -12.12 4.06
CA SER C 47 -4.67 -13.46 3.57
C SER C 47 -3.50 -14.20 4.23
N ARG C 48 -2.54 -13.46 4.78
CA ARG C 48 -1.38 -14.08 5.41
C ARG C 48 -1.66 -15.26 6.34
N PRO C 49 -2.46 -15.06 7.40
CA PRO C 49 -2.77 -16.15 8.34
C PRO C 49 -3.51 -17.34 7.72
N ILE C 50 -4.49 -17.06 6.86
CA ILE C 50 -5.24 -18.14 6.22
C ILE C 50 -4.32 -19.06 5.40
N ILE C 51 -3.45 -18.47 4.59
CA ILE C 51 -2.53 -19.24 3.78
C ILE C 51 -1.61 -20.10 4.66
N ASN C 52 -0.89 -19.43 5.55
CA ASN C 52 0.04 -20.13 6.42
C ASN C 52 -0.63 -21.27 7.20
N LYS C 53 -1.94 -21.19 7.35
CA LYS C 53 -2.67 -22.22 8.07
C LYS C 53 -2.87 -23.46 7.18
N ILE C 54 -3.47 -23.25 6.01
CA ILE C 54 -3.72 -24.34 5.07
C ILE C 54 -2.40 -25.01 4.68
N ALA C 55 -1.40 -24.20 4.40
CA ALA C 55 -0.08 -24.70 4.00
C ALA C 55 0.52 -25.57 5.09
N GLU C 56 0.34 -25.14 6.33
CA GLU C 56 0.84 -25.88 7.48
C GLU C 56 0.11 -27.23 7.57
N LYS C 57 -1.21 -27.19 7.39
CA LYS C 57 -2.04 -28.40 7.44
C LYS C 57 -1.61 -29.42 6.38
N HIS C 58 -1.08 -28.93 5.27
CA HIS C 58 -0.61 -29.82 4.21
C HIS C 58 0.91 -29.87 4.16
N GLY C 59 1.55 -29.99 5.32
CA GLY C 59 3.00 -30.07 5.39
C GLY C 59 3.79 -29.21 4.42
N TYR C 60 3.43 -27.94 4.31
CA TYR C 60 4.11 -27.01 3.41
C TYR C 60 4.80 -25.90 4.19
N ILE C 61 5.92 -25.44 3.68
CA ILE C 61 6.66 -24.37 4.32
C ILE C 61 6.45 -23.10 3.51
N VAL C 62 6.09 -22.00 4.18
CA VAL C 62 5.83 -20.72 3.50
C VAL C 62 6.99 -19.71 3.63
N GLU C 63 7.38 -19.09 2.53
CA GLU C 63 8.46 -18.10 2.53
C GLU C 63 8.14 -16.80 1.81
N GLU C 64 8.04 -15.72 2.56
CA GLU C 64 7.77 -14.40 2.02
C GLU C 64 9.10 -13.76 1.64
N PRO C 65 9.09 -12.78 0.73
CA PRO C 65 10.34 -12.11 0.31
C PRO C 65 11.08 -11.51 1.50
N LYS C 66 12.40 -11.53 1.44
CA LYS C 66 13.19 -10.94 2.50
C LYS C 66 13.35 -9.48 2.09
N GLN C 67 13.82 -9.30 0.85
CA GLN C 67 14.03 -7.98 0.27
C GLN C 67 12.76 -7.53 -0.47
N GLN C 68 12.32 -6.31 -0.19
CA GLN C 68 11.12 -5.78 -0.82
C GLN C 68 11.24 -5.83 -2.35
N ASN C 69 10.12 -5.59 -3.05
CA ASN C 69 10.10 -5.58 -4.51
C ASN C 69 10.46 -6.92 -5.17
N HIS C 70 10.24 -8.01 -4.45
CA HIS C 70 10.53 -9.35 -4.95
C HIS C 70 9.27 -10.19 -5.02
N TYR C 71 9.17 -10.98 -6.08
CA TYR C 71 8.02 -11.85 -6.29
C TYR C 71 8.35 -13.28 -5.84
N PRO C 72 7.36 -14.01 -5.32
CA PRO C 72 5.99 -13.57 -5.10
C PRO C 72 5.77 -13.19 -3.64
N ASP C 73 4.51 -13.18 -3.21
CA ASP C 73 4.19 -12.83 -1.84
C ASP C 73 4.39 -14.03 -0.94
N PHE C 74 4.07 -15.21 -1.45
CA PHE C 74 4.19 -16.44 -0.71
C PHE C 74 4.77 -17.56 -1.57
N THR C 75 5.72 -18.30 -1.01
CA THR C 75 6.34 -19.39 -1.74
C THR C 75 6.14 -20.67 -0.91
N LEU C 76 5.30 -21.58 -1.41
CA LEU C 76 5.05 -22.84 -0.71
C LEU C 76 5.87 -23.97 -1.32
N TYR C 77 6.81 -24.49 -0.55
CA TYR C 77 7.65 -25.59 -0.99
C TYR C 77 7.79 -26.60 0.16
N LYS C 78 8.03 -27.87 -0.18
CA LYS C 78 8.18 -28.89 0.84
C LYS C 78 9.66 -29.23 1.05
N PRO C 79 10.01 -29.64 2.28
CA PRO C 79 11.39 -29.99 2.66
C PRO C 79 12.02 -31.00 1.71
N SER C 80 11.22 -32.00 1.31
CA SER C 80 11.70 -33.05 0.42
C SER C 80 11.55 -32.76 -1.08
N GLU C 81 10.89 -31.66 -1.42
CA GLU C 81 10.70 -31.29 -2.83
C GLU C 81 11.14 -29.85 -3.13
N PRO C 82 12.43 -29.55 -2.90
CA PRO C 82 12.95 -28.20 -3.15
C PRO C 82 12.99 -27.90 -4.65
N ASN C 83 12.21 -28.66 -5.40
CA ASN C 83 12.15 -28.54 -6.84
C ASN C 83 10.80 -28.02 -7.35
N LYS C 84 9.74 -28.39 -6.64
CA LYS C 84 8.38 -27.99 -7.02
C LYS C 84 7.81 -26.95 -6.04
N LYS C 85 8.25 -25.71 -6.22
CA LYS C 85 7.80 -24.62 -5.37
C LYS C 85 6.56 -23.93 -5.91
N ILE C 86 5.62 -23.64 -5.01
CA ILE C 86 4.37 -22.98 -5.38
C ILE C 86 4.44 -21.48 -5.05
N ALA C 87 3.92 -20.66 -5.95
CA ALA C 87 3.91 -19.21 -5.75
C ALA C 87 2.49 -18.68 -5.70
N ILE C 88 2.23 -17.81 -4.74
CA ILE C 88 0.92 -17.21 -4.56
C ILE C 88 1.08 -15.70 -4.48
N ASP C 89 0.36 -14.99 -5.34
CA ASP C 89 0.42 -13.53 -5.35
C ASP C 89 -0.98 -12.97 -5.16
N ILE C 90 -1.11 -11.95 -4.34
CA ILE C 90 -2.41 -11.35 -4.09
C ILE C 90 -2.61 -10.11 -4.96
N LYS C 91 -3.63 -10.16 -5.81
CA LYS C 91 -3.95 -9.05 -6.71
C LYS C 91 -5.31 -8.53 -6.31
N THR C 92 -5.53 -7.22 -6.42
CA THR C 92 -6.81 -6.68 -6.02
C THR C 92 -7.21 -5.52 -6.93
N THR C 93 -8.49 -5.45 -7.30
CA THR C 93 -8.93 -4.37 -8.15
C THR C 93 -10.27 -3.88 -7.64
N TYR C 94 -10.70 -2.70 -8.08
CA TYR C 94 -11.98 -2.17 -7.60
C TYR C 94 -13.03 -2.10 -8.67
N THR C 95 -14.26 -1.79 -8.25
CA THR C 95 -15.37 -1.66 -9.18
C THR C 95 -16.29 -0.55 -8.70
N ASN C 96 -16.68 0.34 -9.61
CA ASN C 96 -17.59 1.44 -9.28
C ASN C 96 -19.00 0.95 -9.08
N LYS C 97 -19.40 -0.02 -9.90
CA LYS C 97 -20.73 -0.61 -9.80
C LYS C 97 -20.61 -2.05 -9.31
N GLU C 98 -21.70 -2.79 -9.39
CA GLU C 98 -21.70 -4.18 -8.94
C GLU C 98 -21.66 -5.15 -10.13
N ASN C 99 -21.02 -6.29 -9.91
CA ASN C 99 -20.86 -7.34 -10.92
C ASN C 99 -20.70 -6.81 -12.34
N GLU C 100 -19.56 -6.16 -12.58
CA GLU C 100 -19.22 -5.61 -13.89
C GLU C 100 -17.82 -6.08 -14.28
N LYS C 101 -17.44 -5.77 -15.52
CA LYS C 101 -16.13 -6.16 -16.04
C LYS C 101 -14.95 -5.63 -15.25
N ILE C 102 -14.15 -6.55 -14.74
CA ILE C 102 -12.98 -6.20 -13.97
C ILE C 102 -11.74 -6.73 -14.65
N LYS C 103 -10.59 -6.27 -14.18
CA LYS C 103 -9.32 -6.68 -14.77
C LYS C 103 -8.17 -6.45 -13.79
N PHE C 104 -7.28 -7.44 -13.68
CA PHE C 104 -6.14 -7.32 -12.79
C PHE C 104 -4.83 -7.16 -13.55
N THR C 105 -3.79 -6.75 -12.81
CA THR C 105 -2.44 -6.62 -13.34
C THR C 105 -1.78 -7.85 -12.73
N LEU C 106 -1.13 -8.65 -13.56
CA LEU C 106 -0.54 -9.87 -13.07
C LEU C 106 0.96 -9.90 -12.96
N GLY C 107 1.57 -8.72 -12.82
CA GLY C 107 3.01 -8.68 -12.71
C GLY C 107 3.67 -8.40 -14.04
N GLY C 108 4.85 -7.79 -13.95
CA GLY C 108 5.61 -7.45 -15.14
C GLY C 108 5.92 -8.66 -15.99
N TYR C 109 6.32 -8.41 -17.23
CA TYR C 109 6.64 -9.50 -18.14
C TYR C 109 8.09 -9.38 -18.58
N THR C 110 8.83 -8.48 -17.95
CA THR C 110 10.23 -8.31 -18.30
C THR C 110 11.12 -8.71 -17.13
N SER C 111 10.54 -9.30 -16.10
CA SER C 111 11.34 -9.70 -14.95
C SER C 111 11.67 -11.18 -14.98
N PHE C 112 11.32 -11.89 -13.91
CA PHE C 112 11.60 -13.31 -13.82
C PHE C 112 11.15 -14.19 -14.99
N ILE C 113 10.08 -13.82 -15.68
CA ILE C 113 9.65 -14.65 -16.80
C ILE C 113 10.67 -14.52 -17.94
N ARG C 114 11.52 -13.50 -17.87
CA ARG C 114 12.50 -13.36 -18.92
C ARG C 114 13.91 -13.58 -18.42
N ASN C 115 14.12 -13.34 -17.12
CA ASN C 115 15.41 -13.53 -16.50
C ASN C 115 15.15 -14.40 -15.29
N ASN C 116 15.46 -15.68 -15.45
CA ASN C 116 15.27 -16.69 -14.41
C ASN C 116 15.37 -16.23 -12.95
N THR C 117 16.22 -15.26 -12.66
CA THR C 117 16.35 -14.82 -11.27
C THR C 117 16.18 -13.35 -11.02
N LYS C 118 15.52 -12.66 -11.95
CA LYS C 118 15.31 -11.23 -11.82
C LYS C 118 14.05 -10.90 -11.01
N ASN C 119 14.25 -10.28 -9.85
CA ASN C 119 13.16 -9.87 -8.96
C ASN C 119 12.31 -11.04 -8.46
N ILE C 120 12.95 -12.07 -7.95
CA ILE C 120 12.17 -13.19 -7.49
C ILE C 120 12.90 -13.93 -6.37
N VAL C 121 12.14 -14.31 -5.36
CA VAL C 121 12.68 -15.01 -4.20
C VAL C 121 13.48 -16.23 -4.57
N TYR C 122 12.88 -17.11 -5.35
CA TYR C 122 13.55 -18.33 -5.80
C TYR C 122 13.54 -18.40 -7.32
N PRO C 123 14.59 -19.02 -7.89
CA PRO C 123 14.73 -19.19 -9.35
C PRO C 123 13.41 -19.65 -9.97
N PHE C 124 12.95 -18.93 -10.99
CA PHE C 124 11.70 -19.22 -11.67
C PHE C 124 11.45 -20.72 -11.93
N ASP C 125 12.48 -21.40 -12.46
CA ASP C 125 12.42 -22.82 -12.79
C ASP C 125 12.09 -23.74 -11.63
N GLN C 126 12.25 -23.23 -10.43
CA GLN C 126 11.97 -24.03 -9.24
C GLN C 126 10.48 -24.01 -8.87
N TYR C 127 9.68 -23.30 -9.68
CA TYR C 127 8.25 -23.21 -9.46
C TYR C 127 7.48 -23.98 -10.51
N ILE C 128 6.50 -24.77 -10.08
CA ILE C 128 5.67 -25.54 -11.01
C ILE C 128 4.33 -24.80 -11.14
N ALA C 129 3.92 -24.10 -10.09
CA ALA C 129 2.66 -23.37 -10.13
C ALA C 129 2.81 -21.91 -9.76
N HIS C 130 1.81 -21.14 -10.16
CA HIS C 130 1.75 -19.71 -9.90
C HIS C 130 0.27 -19.36 -9.64
N TRP C 131 -0.14 -19.40 -8.39
CA TRP C 131 -1.53 -19.11 -8.05
C TRP C 131 -1.77 -17.62 -7.76
N ILE C 132 -2.85 -17.11 -8.33
CA ILE C 132 -3.18 -15.72 -8.12
C ILE C 132 -4.45 -15.60 -7.30
N ILE C 133 -4.35 -14.96 -6.15
CA ILE C 133 -5.50 -14.74 -5.30
C ILE C 133 -5.99 -13.34 -5.66
N GLY C 134 -7.11 -13.27 -6.38
CA GLY C 134 -7.65 -11.99 -6.77
C GLY C 134 -8.80 -11.56 -5.87
N TYR C 135 -8.79 -10.28 -5.52
CA TYR C 135 -9.82 -9.67 -4.69
C TYR C 135 -10.48 -8.54 -5.46
N VAL C 136 -11.81 -8.51 -5.41
CA VAL C 136 -12.59 -7.49 -6.09
C VAL C 136 -13.60 -6.86 -5.14
N TYR C 137 -13.54 -5.54 -5.01
CA TYR C 137 -14.46 -4.86 -4.11
C TYR C 137 -15.14 -3.67 -4.78
N THR C 138 -16.26 -3.25 -4.22
CA THR C 138 -16.97 -2.11 -4.75
C THR C 138 -16.61 -0.90 -3.88
N ARG C 139 -16.10 0.13 -4.55
CA ARG C 139 -15.70 1.39 -3.93
C ARG C 139 -16.85 1.97 -3.13
N VAL C 140 -16.51 2.81 -2.17
CA VAL C 140 -17.49 3.47 -1.33
C VAL C 140 -16.89 4.80 -0.90
N ALA C 141 -17.74 5.82 -0.82
CA ALA C 141 -17.31 7.16 -0.41
C ALA C 141 -16.90 7.17 1.06
N THR C 142 -15.70 7.70 1.33
CA THR C 142 -15.19 7.78 2.70
C THR C 142 -15.96 8.84 3.48
N ARG C 143 -16.93 8.38 4.28
CA ARG C 143 -17.75 9.28 5.08
C ARG C 143 -16.92 10.04 6.12
N LYS C 144 -17.44 11.18 6.56
CA LYS C 144 -16.77 11.99 7.56
C LYS C 144 -16.53 11.18 8.83
N SER C 145 -17.33 10.13 9.02
CA SER C 145 -17.19 9.28 10.20
C SER C 145 -15.88 8.52 10.12
N SER C 146 -15.32 8.42 8.91
CA SER C 146 -14.07 7.71 8.73
C SER C 146 -12.86 8.51 9.18
N LEU C 147 -13.08 9.77 9.54
CA LEU C 147 -11.99 10.63 9.99
C LEU C 147 -11.96 10.86 11.49
N LYS C 148 -12.21 9.80 12.26
CA LYS C 148 -12.19 9.90 13.71
C LYS C 148 -11.76 8.57 14.30
N THR C 149 -11.16 8.59 15.49
CA THR C 149 -10.72 7.35 16.12
C THR C 149 -11.85 6.70 16.91
N TYR C 150 -11.77 5.38 17.06
CA TYR C 150 -12.78 4.63 17.80
C TYR C 150 -12.13 3.74 18.85
N ASN C 151 -12.91 3.32 19.84
CA ASN C 151 -12.44 2.44 20.90
C ASN C 151 -12.97 1.04 20.60
N ILE C 152 -12.37 0.02 21.21
CA ILE C 152 -12.79 -1.36 20.98
C ILE C 152 -14.30 -1.57 21.11
N ASN C 153 -14.94 -0.80 21.99
CA ASN C 153 -16.38 -0.91 22.22
C ASN C 153 -17.23 -0.31 21.12
N GLU C 154 -16.67 -0.16 19.92
CA GLU C 154 -17.45 0.42 18.82
C GLU C 154 -17.10 -0.14 17.44
N LEU C 155 -16.41 -1.28 17.41
CA LEU C 155 -16.02 -1.94 16.17
C LEU C 155 -17.17 -2.04 15.18
N ASN C 156 -18.37 -2.27 15.68
CA ASN C 156 -19.52 -2.40 14.80
C ASN C 156 -20.10 -1.04 14.39
N GLU C 157 -19.42 0.02 14.79
CA GLU C 157 -19.85 1.37 14.46
C GLU C 157 -18.90 1.97 13.44
N ILE C 158 -17.72 1.38 13.32
CA ILE C 158 -16.72 1.87 12.37
C ILE C 158 -17.20 1.60 10.95
N PRO C 159 -17.51 2.64 10.18
CA PRO C 159 -17.98 2.50 8.80
C PRO C 159 -16.94 1.86 7.86
N LYS C 160 -17.41 1.00 6.97
CA LYS C 160 -16.54 0.32 6.01
C LYS C 160 -16.43 1.09 4.70
N PRO C 161 -15.23 1.08 4.09
CA PRO C 161 -15.00 1.78 2.83
C PRO C 161 -15.34 0.96 1.58
N TYR C 162 -15.74 -0.29 1.77
CA TYR C 162 -16.07 -1.17 0.67
C TYR C 162 -17.47 -1.78 0.80
N LYS C 163 -17.81 -2.68 -0.13
CA LYS C 163 -19.10 -3.35 -0.15
C LYS C 163 -19.01 -4.83 -0.52
N GLY C 164 -19.36 -5.16 -1.77
CA GLY C 164 -19.32 -6.54 -2.19
C GLY C 164 -17.92 -7.08 -2.46
N VAL C 165 -17.26 -7.59 -1.42
CA VAL C 165 -15.92 -8.15 -1.56
C VAL C 165 -15.98 -9.60 -2.05
N LYS C 166 -15.32 -9.85 -3.18
CA LYS C 166 -15.29 -11.19 -3.77
C LYS C 166 -13.85 -11.64 -3.96
N VAL C 167 -13.58 -12.90 -3.65
CA VAL C 167 -12.23 -13.42 -3.80
C VAL C 167 -12.17 -14.68 -4.67
N PHE C 168 -11.00 -14.99 -5.22
CA PHE C 168 -10.86 -16.19 -6.02
C PHE C 168 -9.40 -16.63 -6.11
N LEU C 169 -9.19 -17.90 -6.40
CA LEU C 169 -7.84 -18.44 -6.53
C LEU C 169 -7.78 -19.02 -7.92
N GLN C 170 -6.76 -18.66 -8.68
CA GLN C 170 -6.64 -19.15 -10.05
C GLN C 170 -5.19 -19.06 -10.58
N ASP C 171 -4.86 -19.96 -11.50
CA ASP C 171 -3.52 -19.98 -12.08
C ASP C 171 -3.31 -18.69 -12.86
N LYS C 172 -2.08 -18.19 -12.90
CA LYS C 172 -1.81 -16.95 -13.59
C LYS C 172 -2.01 -17.03 -15.11
N TRP C 173 -1.55 -18.12 -15.73
CA TRP C 173 -1.70 -18.27 -17.18
C TRP C 173 -3.15 -18.47 -17.58
N VAL C 174 -3.93 -19.06 -16.70
CA VAL C 174 -5.33 -19.30 -17.01
C VAL C 174 -6.17 -18.05 -17.13
N ILE C 175 -5.85 -17.02 -16.36
CA ILE C 175 -6.63 -15.77 -16.39
C ILE C 175 -5.91 -14.60 -17.01
N ALA C 176 -4.80 -14.85 -17.69
CA ALA C 176 -4.07 -13.77 -18.31
C ALA C 176 -4.66 -13.42 -19.68
N GLY C 177 -4.47 -12.16 -20.07
CA GLY C 177 -4.96 -11.67 -21.33
C GLY C 177 -3.82 -11.51 -22.33
N ASP C 178 -4.07 -10.78 -23.42
CA ASP C 178 -3.05 -10.55 -24.45
C ASP C 178 -2.70 -9.07 -24.54
N LEU C 179 -3.25 -8.31 -23.59
CA LEU C 179 -2.97 -6.89 -23.50
C LEU C 179 -2.25 -6.58 -22.19
N ALA C 180 -1.33 -5.64 -22.26
CA ALA C 180 -0.55 -5.23 -21.10
C ALA C 180 -1.44 -4.53 -20.09
N GLY C 181 -1.09 -4.66 -18.81
CA GLY C 181 -1.85 -4.05 -17.75
C GLY C 181 -1.31 -2.69 -17.32
N SER C 182 -0.16 -2.32 -17.87
CA SER C 182 0.41 -1.03 -17.57
C SER C 182 1.46 -0.73 -18.61
N GLY C 183 1.84 0.54 -18.71
CA GLY C 183 2.82 0.92 -19.70
C GLY C 183 4.24 1.01 -19.17
N ASN C 184 4.54 2.15 -18.55
CA ASN C 184 5.86 2.38 -18.00
C ASN C 184 6.31 1.31 -17.00
N THR C 185 5.37 0.52 -16.49
CA THR C 185 5.74 -0.54 -15.55
C THR C 185 5.56 -1.94 -16.14
N THR C 186 5.55 -1.98 -17.47
CA THR C 186 5.42 -3.19 -18.28
C THR C 186 4.73 -4.38 -17.60
N ASN C 187 3.46 -4.21 -17.23
CA ASN C 187 2.75 -5.30 -16.56
C ASN C 187 1.85 -6.16 -17.44
N ILE C 188 1.81 -7.45 -17.10
CA ILE C 188 0.97 -8.39 -17.80
C ILE C 188 -0.47 -8.06 -17.42
N GLY C 189 -1.35 -8.04 -18.42
CA GLY C 189 -2.75 -7.78 -18.17
C GLY C 189 -3.56 -9.07 -18.20
N SER C 190 -4.61 -9.15 -17.38
CA SER C 190 -5.46 -10.34 -17.37
C SER C 190 -6.60 -10.07 -18.33
N ILE C 191 -7.55 -11.00 -18.35
CA ILE C 191 -8.72 -10.89 -19.20
C ILE C 191 -9.66 -9.82 -18.61
N HIS C 192 -10.39 -9.15 -19.50
CA HIS C 192 -11.36 -8.11 -19.14
C HIS C 192 -12.71 -8.81 -19.08
N ALA C 193 -13.02 -9.47 -17.96
CA ALA C 193 -14.28 -10.18 -17.84
C ALA C 193 -14.95 -9.98 -16.48
N HIS C 194 -15.98 -10.78 -16.20
CA HIS C 194 -16.71 -10.74 -14.94
C HIS C 194 -16.06 -11.65 -13.90
N TYR C 195 -16.28 -11.36 -12.62
CA TYR C 195 -15.73 -12.16 -11.54
C TYR C 195 -15.84 -13.67 -11.82
N LYS C 196 -17.00 -14.09 -12.32
CA LYS C 196 -17.27 -15.50 -12.61
C LYS C 196 -16.26 -16.08 -13.59
N ASP C 197 -15.99 -15.32 -14.64
CA ASP C 197 -15.04 -15.71 -15.67
C ASP C 197 -13.66 -16.07 -15.08
N PHE C 198 -13.25 -15.40 -14.00
CA PHE C 198 -11.96 -15.69 -13.38
C PHE C 198 -12.05 -16.96 -12.55
N VAL C 199 -13.13 -17.08 -11.81
CA VAL C 199 -13.36 -18.26 -11.01
C VAL C 199 -13.43 -19.50 -11.90
N GLU C 200 -14.08 -19.35 -13.05
CA GLU C 200 -14.21 -20.47 -13.98
C GLU C 200 -12.88 -20.75 -14.68
N GLY C 201 -12.32 -19.73 -15.32
CA GLY C 201 -11.07 -19.91 -16.01
C GLY C 201 -11.19 -19.65 -17.51
N LYS C 202 -12.22 -18.92 -17.90
CA LYS C 202 -12.44 -18.57 -19.31
C LYS C 202 -11.40 -17.54 -19.76
N GLY C 203 -10.24 -18.05 -20.17
CA GLY C 203 -9.16 -17.18 -20.62
C GLY C 203 -8.93 -17.23 -22.11
N ILE C 204 -7.73 -16.88 -22.56
CA ILE C 204 -7.44 -16.91 -23.98
C ILE C 204 -6.36 -17.93 -24.29
N PHE C 205 -5.43 -18.10 -23.36
CA PHE C 205 -4.35 -19.05 -23.56
C PHE C 205 -4.85 -20.46 -23.21
N ASP C 206 -4.48 -21.41 -24.05
CA ASP C 206 -4.88 -22.80 -23.91
C ASP C 206 -3.82 -23.64 -23.16
N SER C 207 -2.76 -22.97 -22.71
CA SER C 207 -1.70 -23.64 -21.97
C SER C 207 -0.72 -22.63 -21.39
N GLU C 208 0.10 -23.12 -20.47
CA GLU C 208 1.14 -22.35 -19.82
C GLU C 208 2.11 -21.85 -20.88
N ASP C 209 2.69 -22.79 -21.61
CA ASP C 209 3.66 -22.50 -22.66
C ASP C 209 3.22 -21.41 -23.60
N GLU C 210 1.95 -21.44 -23.98
CA GLU C 210 1.42 -20.44 -24.88
C GLU C 210 1.49 -19.07 -24.20
N PHE C 211 1.09 -19.02 -22.93
CA PHE C 211 1.10 -17.80 -22.13
C PHE C 211 2.52 -17.24 -22.04
N LEU C 212 3.44 -18.04 -21.51
CA LEU C 212 4.84 -17.65 -21.37
C LEU C 212 5.46 -17.26 -22.71
N ASP C 213 5.13 -18.01 -23.74
CA ASP C 213 5.68 -17.74 -25.05
C ASP C 213 5.12 -16.46 -25.65
N TYR C 214 3.94 -16.02 -25.18
CA TYR C 214 3.33 -14.79 -25.68
C TYR C 214 3.87 -13.56 -24.97
N TRP C 215 4.08 -13.67 -23.67
CA TRP C 215 4.56 -12.54 -22.88
C TRP C 215 6.06 -12.40 -22.80
N ARG C 216 6.79 -13.41 -23.27
CA ARG C 216 8.23 -13.37 -23.31
C ARG C 216 8.63 -12.73 -24.63
N ASN C 217 7.65 -12.57 -25.51
CA ASN C 217 7.88 -11.96 -26.83
C ASN C 217 7.08 -10.67 -27.00
N TYR C 218 6.27 -10.34 -25.99
CA TYR C 218 5.48 -9.11 -26.04
C TYR C 218 6.44 -7.96 -26.25
N GLU C 219 6.06 -7.05 -27.14
CA GLU C 219 6.86 -5.87 -27.48
C GLU C 219 5.97 -4.65 -27.71
N SER D 1 0.49 28.03 15.53
CA SER D 1 -0.12 28.08 14.16
C SER D 1 -0.63 26.69 13.81
N LEU D 2 -1.26 26.57 12.64
CA LEU D 2 -1.74 25.28 12.16
C LEU D 2 -0.51 24.35 12.02
N ARG D 3 0.52 24.81 11.32
CA ARG D 3 1.71 23.99 11.11
C ARG D 3 2.40 23.42 12.35
N SER D 4 2.74 24.27 13.32
CA SER D 4 3.41 23.79 14.55
C SER D 4 2.43 22.96 15.37
N ASP D 5 1.16 23.32 15.28
CA ASP D 5 0.12 22.61 16.01
C ASP D 5 0.06 21.19 15.45
N LEU D 6 0.18 21.08 14.13
CA LEU D 6 0.13 19.78 13.45
C LEU D 6 1.28 18.86 13.87
N ILE D 7 2.52 19.33 13.67
CA ILE D 7 3.73 18.58 13.98
C ILE D 7 3.76 18.14 15.44
N ASN D 8 3.19 18.95 16.31
CA ASN D 8 3.19 18.60 17.71
C ASN D 8 2.21 17.46 17.96
N ALA D 9 1.05 17.54 17.33
CA ALA D 9 0.03 16.51 17.46
C ALA D 9 0.53 15.19 16.87
N LEU D 10 1.37 15.29 15.85
CA LEU D 10 1.96 14.12 15.20
C LEU D 10 3.02 13.51 16.09
N TYR D 11 3.85 14.34 16.71
CA TYR D 11 4.85 13.80 17.60
C TYR D 11 4.12 13.02 18.67
N ASP D 12 3.13 13.66 19.30
CA ASP D 12 2.36 13.04 20.36
C ASP D 12 1.78 11.69 19.98
N GLU D 13 0.86 11.71 19.03
CA GLU D 13 0.19 10.50 18.55
C GLU D 13 1.15 9.35 18.26
N ASN D 14 2.35 9.67 17.80
CA ASN D 14 3.33 8.63 17.45
C ASN D 14 3.94 7.99 18.69
N GLN D 15 4.10 8.78 19.75
CA GLN D 15 4.70 8.28 20.97
C GLN D 15 3.72 7.60 21.90
N LYS D 16 2.46 8.01 21.83
CA LYS D 16 1.43 7.46 22.70
C LYS D 16 0.66 6.28 22.10
N TYR D 17 1.02 5.88 20.88
CA TYR D 17 0.34 4.79 20.22
C TYR D 17 1.27 4.01 19.30
N ASP D 18 1.05 2.70 19.24
CA ASP D 18 1.83 1.81 18.40
C ASP D 18 0.90 0.85 17.65
N VAL D 19 0.67 1.15 16.38
CA VAL D 19 -0.17 0.31 15.53
C VAL D 19 0.45 -1.07 15.47
N CYS D 20 -0.38 -2.11 15.60
CA CYS D 20 0.12 -3.50 15.60
C CYS D 20 -0.64 -4.48 14.71
N GLY D 21 -1.74 -4.05 14.10
CA GLY D 21 -2.49 -4.96 13.22
C GLY D 21 -3.77 -4.40 12.65
N ILE D 22 -4.52 -5.25 11.94
CA ILE D 22 -5.80 -4.85 11.36
C ILE D 22 -6.87 -5.66 12.09
N ILE D 23 -7.90 -4.99 12.60
CA ILE D 23 -8.94 -5.69 13.33
C ILE D 23 -10.24 -5.77 12.55
N SER D 24 -10.99 -6.84 12.77
CA SER D 24 -12.28 -7.05 12.12
C SER D 24 -13.41 -6.66 13.08
N ALA D 25 -14.59 -6.39 12.52
CA ALA D 25 -15.75 -6.01 13.33
C ALA D 25 -16.16 -7.18 14.22
N GLU D 26 -15.55 -8.33 14.01
CA GLU D 26 -15.85 -9.51 14.79
C GLU D 26 -14.87 -9.57 15.97
N GLY D 27 -13.85 -8.72 15.93
CA GLY D 27 -12.88 -8.69 17.00
C GLY D 27 -11.63 -9.48 16.69
N LYS D 28 -11.44 -9.79 15.42
CA LYS D 28 -10.28 -10.57 14.99
C LYS D 28 -9.18 -9.67 14.45
N ILE D 29 -7.95 -9.88 14.95
CA ILE D 29 -6.79 -9.09 14.54
C ILE D 29 -5.77 -9.86 13.70
N TYR D 30 -5.13 -9.18 12.76
CA TYR D 30 -4.12 -9.79 11.89
C TYR D 30 -2.85 -8.94 11.95
N PRO D 31 -1.71 -9.55 12.28
CA PRO D 31 -0.45 -8.80 12.35
C PRO D 31 -0.12 -8.03 11.05
N LEU D 32 0.86 -7.14 11.13
CA LEU D 32 1.31 -6.33 10.00
C LEU D 32 2.62 -6.87 9.46
N GLY D 33 3.05 -6.36 8.31
CA GLY D 33 4.29 -6.80 7.71
C GLY D 33 5.38 -5.76 7.89
N SER D 34 6.63 -6.12 7.64
CA SER D 34 7.69 -5.14 7.83
C SER D 34 8.20 -4.51 6.55
N ASP D 35 7.29 -4.30 5.58
CA ASP D 35 7.68 -3.69 4.31
C ASP D 35 7.03 -2.32 4.11
N THR D 36 7.74 -1.41 3.42
CA THR D 36 7.26 -0.04 3.18
C THR D 36 5.86 -0.02 2.53
N LYS D 37 5.54 -1.05 1.74
CA LYS D 37 4.23 -1.11 1.09
C LYS D 37 3.10 -1.10 2.11
N VAL D 38 3.24 -1.94 3.14
CA VAL D 38 2.23 -2.03 4.18
C VAL D 38 2.27 -0.86 5.14
N LEU D 39 3.48 -0.49 5.55
CA LEU D 39 3.64 0.59 6.52
C LEU D 39 3.24 1.98 6.05
N SER D 40 3.60 2.32 4.82
CA SER D 40 3.24 3.64 4.26
C SER D 40 1.72 3.77 4.29
N THR D 41 1.04 2.65 4.13
CA THR D 41 -0.42 2.65 4.14
C THR D 41 -0.88 2.81 5.58
N ILE D 42 -0.24 2.10 6.51
CA ILE D 42 -0.62 2.22 7.91
C ILE D 42 -0.26 3.60 8.46
N PHE D 43 0.82 4.20 7.97
CA PHE D 43 1.19 5.53 8.45
C PHE D 43 0.25 6.58 7.91
N GLU D 44 -0.11 6.45 6.64
CA GLU D 44 -1.02 7.38 6.00
C GLU D 44 -2.35 7.38 6.76
N LEU D 45 -2.92 6.20 6.97
CA LEU D 45 -4.19 6.05 7.68
C LEU D 45 -4.07 6.47 9.14
N PHE D 46 -2.84 6.44 9.64
CA PHE D 46 -2.56 6.81 11.02
C PHE D 46 -2.57 8.33 11.20
N SER D 47 -2.26 9.04 10.13
CA SER D 47 -2.19 10.49 10.17
C SER D 47 -3.52 11.20 9.93
N ARG D 48 -4.36 10.62 9.08
CA ARG D 48 -5.65 11.21 8.72
C ARG D 48 -6.43 11.82 9.86
N PRO D 49 -6.71 11.06 10.92
CA PRO D 49 -7.47 11.58 12.05
C PRO D 49 -6.86 12.84 12.66
N ILE D 50 -5.57 12.77 12.97
CA ILE D 50 -4.86 13.91 13.56
C ILE D 50 -4.95 15.14 12.67
N ILE D 51 -4.68 14.95 11.39
CA ILE D 51 -4.73 16.02 10.39
C ILE D 51 -6.11 16.68 10.32
N ASN D 52 -7.13 15.86 10.17
CA ASN D 52 -8.48 16.34 10.09
C ASN D 52 -8.84 17.18 11.32
N LYS D 53 -8.52 16.69 12.51
CA LYS D 53 -8.84 17.42 13.73
C LYS D 53 -8.10 18.76 13.78
N ILE D 54 -6.78 18.73 13.81
CA ILE D 54 -5.98 19.95 13.86
C ILE D 54 -6.46 20.92 12.78
N ALA D 55 -6.97 20.40 11.67
CA ALA D 55 -7.46 21.25 10.59
C ALA D 55 -8.71 21.99 11.01
N GLU D 56 -9.70 21.22 11.42
CA GLU D 56 -10.98 21.78 11.86
C GLU D 56 -10.74 22.73 13.02
N LYS D 57 -9.77 22.38 13.88
CA LYS D 57 -9.41 23.20 15.04
C LYS D 57 -8.99 24.61 14.62
N HIS D 58 -8.27 24.71 13.53
CA HIS D 58 -7.80 26.01 13.07
C HIS D 58 -8.71 26.59 11.98
N GLY D 59 -9.91 26.04 11.88
CA GLY D 59 -10.88 26.50 10.90
C GLY D 59 -10.50 26.15 9.49
N TYR D 60 -10.25 24.87 9.22
CA TYR D 60 -9.87 24.41 7.90
C TYR D 60 -10.70 23.25 7.38
N ILE D 61 -11.05 23.31 6.10
CA ILE D 61 -11.83 22.25 5.45
C ILE D 61 -10.80 21.26 4.87
N VAL D 62 -11.02 19.97 5.06
CA VAL D 62 -10.10 18.94 4.56
C VAL D 62 -10.74 18.20 3.38
N GLU D 63 -9.97 17.87 2.35
CA GLU D 63 -10.50 17.14 1.20
C GLU D 63 -9.49 16.13 0.69
N GLU D 64 -9.93 14.88 0.56
CA GLU D 64 -9.05 13.82 0.08
C GLU D 64 -9.32 13.60 -1.39
N PRO D 65 -8.35 12.98 -2.10
CA PRO D 65 -8.48 12.69 -3.53
C PRO D 65 -9.71 11.85 -3.88
N LYS D 66 -10.22 12.04 -5.09
CA LYS D 66 -11.36 11.24 -5.51
C LYS D 66 -10.84 10.09 -6.36
N GLN D 67 -9.64 10.25 -6.92
CA GLN D 67 -9.00 9.23 -7.76
C GLN D 67 -7.78 8.64 -7.06
N GLN D 68 -7.55 7.34 -7.21
CA GLN D 68 -6.40 6.69 -6.58
C GLN D 68 -5.05 7.27 -7.03
N ASN D 69 -5.02 7.99 -8.16
CA ASN D 69 -3.77 8.55 -8.62
C ASN D 69 -3.74 10.06 -8.70
N HIS D 70 -4.30 10.69 -7.67
CA HIS D 70 -4.36 12.13 -7.57
C HIS D 70 -3.66 12.65 -6.32
N TYR D 71 -2.90 13.72 -6.49
CA TYR D 71 -2.16 14.37 -5.39
C TYR D 71 -2.98 15.60 -5.00
N PRO D 72 -2.93 16.03 -3.73
CA PRO D 72 -2.16 15.47 -2.63
C PRO D 72 -3.07 14.63 -1.75
N ASP D 73 -2.46 13.93 -0.80
CA ASP D 73 -3.19 13.08 0.13
C ASP D 73 -4.26 13.89 0.87
N PHE D 74 -3.93 15.13 1.20
CA PHE D 74 -4.84 16.00 1.94
C PHE D 74 -4.79 17.43 1.40
N THR D 75 -5.96 18.05 1.28
CA THR D 75 -6.05 19.42 0.83
C THR D 75 -6.82 20.22 1.89
N LEU D 76 -6.21 21.29 2.37
CA LEU D 76 -6.83 22.13 3.38
C LEU D 76 -6.97 23.53 2.86
N TYR D 77 -8.08 24.16 3.19
CA TYR D 77 -8.33 25.53 2.79
C TYR D 77 -9.48 26.10 3.60
N LYS D 78 -9.46 27.42 3.76
CA LYS D 78 -10.51 28.14 4.47
C LYS D 78 -11.53 28.54 3.42
N PRO D 79 -12.82 28.41 3.75
CA PRO D 79 -13.90 28.77 2.82
C PRO D 79 -13.74 30.18 2.21
N SER D 80 -13.28 31.13 3.02
CA SER D 80 -13.07 32.51 2.57
C SER D 80 -11.69 32.67 1.90
N GLU D 81 -11.03 31.55 1.63
CA GLU D 81 -9.70 31.57 1.02
C GLU D 81 -9.49 30.37 0.08
N PRO D 82 -10.44 30.11 -0.82
CA PRO D 82 -10.38 28.99 -1.76
C PRO D 82 -9.13 28.98 -2.65
N ASN D 83 -8.52 30.14 -2.87
CA ASN D 83 -7.34 30.17 -3.71
C ASN D 83 -6.05 30.15 -2.91
N LYS D 84 -6.14 29.78 -1.64
CA LYS D 84 -4.96 29.67 -0.80
C LYS D 84 -5.00 28.32 -0.11
N LYS D 85 -4.92 27.27 -0.92
CA LYS D 85 -4.98 25.92 -0.41
C LYS D 85 -3.63 25.37 0.06
N ILE D 86 -3.68 24.43 1.01
CA ILE D 86 -2.47 23.83 1.50
C ILE D 86 -2.47 22.31 1.20
N ALA D 87 -1.39 21.82 0.60
CA ALA D 87 -1.27 20.40 0.27
C ALA D 87 -0.40 19.61 1.23
N ILE D 88 -0.96 18.55 1.80
CA ILE D 88 -0.21 17.70 2.71
C ILE D 88 -0.18 16.28 2.11
N ASP D 89 1.02 15.75 1.90
CA ASP D 89 1.20 14.40 1.37
C ASP D 89 2.16 13.68 2.32
N ILE D 90 1.85 12.43 2.60
CA ILE D 90 2.66 11.65 3.50
C ILE D 90 3.62 10.76 2.71
N LYS D 91 4.88 10.75 3.13
CA LYS D 91 5.92 9.95 2.51
C LYS D 91 6.47 9.01 3.57
N THR D 92 7.02 7.88 3.15
CA THR D 92 7.56 6.86 4.06
C THR D 92 8.82 6.21 3.48
N THR D 93 9.80 5.98 4.33
CA THR D 93 11.02 5.31 3.90
C THR D 93 11.51 4.52 5.11
N TYR D 94 12.41 3.57 4.92
CA TYR D 94 12.90 2.77 6.02
C TYR D 94 14.42 2.87 6.17
N THR D 95 14.90 2.39 7.32
CA THR D 95 16.32 2.37 7.65
C THR D 95 16.63 0.97 8.16
N ASN D 96 17.91 0.58 8.09
CA ASN D 96 18.32 -0.74 8.57
C ASN D 96 18.94 -0.64 9.97
N LYS D 97 19.41 0.55 10.31
CA LYS D 97 20.04 0.79 11.61
C LYS D 97 19.39 1.97 12.33
N GLU D 98 20.14 2.59 13.25
CA GLU D 98 19.64 3.74 14.02
C GLU D 98 19.84 5.04 13.24
N ASN D 99 20.60 5.97 13.79
CA ASN D 99 20.83 7.22 13.10
C ASN D 99 21.51 6.93 11.75
N GLU D 100 20.69 6.59 10.76
CA GLU D 100 21.17 6.25 9.41
C GLU D 100 20.56 7.16 8.35
N LYS D 101 21.38 7.63 7.41
CA LYS D 101 20.89 8.52 6.36
C LYS D 101 19.74 7.89 5.59
N ILE D 102 18.85 8.75 5.11
CA ILE D 102 17.68 8.33 4.37
C ILE D 102 17.39 9.25 3.17
N LYS D 103 16.45 8.84 2.33
CA LYS D 103 16.06 9.63 1.17
C LYS D 103 14.64 9.24 0.84
N PHE D 104 13.84 10.24 0.48
CA PHE D 104 12.45 10.03 0.11
C PHE D 104 12.22 10.36 -1.38
N THR D 105 11.09 9.92 -1.90
CA THR D 105 10.66 10.23 -3.26
C THR D 105 9.57 11.27 -2.94
N LEU D 106 9.65 12.42 -3.58
CA LEU D 106 8.68 13.48 -3.31
C LEU D 106 7.72 13.77 -4.45
N GLY D 107 7.14 12.72 -5.01
CA GLY D 107 6.20 12.92 -6.10
C GLY D 107 6.86 13.20 -7.42
N GLY D 108 6.13 12.96 -8.51
CA GLY D 108 6.66 13.17 -9.84
C GLY D 108 6.94 14.61 -10.15
N TYR D 109 7.79 14.85 -11.16
CA TYR D 109 8.17 16.20 -11.57
C TYR D 109 7.71 16.54 -13.00
N THR D 110 6.86 15.69 -13.58
CA THR D 110 6.35 15.93 -14.93
C THR D 110 4.82 15.98 -14.93
N SER D 111 4.22 16.20 -13.77
CA SER D 111 2.77 16.27 -13.68
C SER D 111 2.35 17.67 -13.29
N PHE D 112 1.48 17.76 -12.28
CA PHE D 112 0.98 19.03 -11.82
C PHE D 112 1.99 20.16 -11.72
N ILE D 113 3.29 19.87 -11.67
CA ILE D 113 4.24 20.98 -11.59
C ILE D 113 4.53 21.56 -12.96
N ARG D 114 4.18 20.81 -14.00
CA ARG D 114 4.38 21.25 -15.37
C ARG D 114 3.03 21.45 -16.07
N ASN D 115 2.00 20.75 -15.59
CA ASN D 115 0.68 20.86 -16.17
C ASN D 115 -0.21 21.19 -14.97
N ASN D 116 -0.57 22.46 -14.87
CA ASN D 116 -1.40 23.00 -13.80
C ASN D 116 -2.53 22.12 -13.26
N THR D 117 -3.14 21.32 -14.13
CA THR D 117 -4.24 20.48 -13.67
C THR D 117 -4.01 18.99 -13.87
N LYS D 118 -2.76 18.60 -14.05
CA LYS D 118 -2.44 17.20 -14.27
C LYS D 118 -2.21 16.44 -12.96
N ASN D 119 -3.02 15.40 -12.75
CA ASN D 119 -2.90 14.58 -11.54
C ASN D 119 -2.94 15.36 -10.22
N ILE D 120 -3.95 16.21 -10.05
CA ILE D 120 -4.04 16.97 -8.81
C ILE D 120 -5.50 17.37 -8.56
N VAL D 121 -5.94 17.27 -7.32
CA VAL D 121 -7.32 17.58 -6.97
C VAL D 121 -7.77 18.93 -7.48
N TYR D 122 -7.06 19.96 -7.08
CA TYR D 122 -7.33 21.32 -7.50
C TYR D 122 -6.15 21.78 -8.33
N PRO D 123 -6.36 22.81 -9.18
CA PRO D 123 -5.28 23.36 -10.04
C PRO D 123 -4.06 23.70 -9.20
N PHE D 124 -2.88 23.48 -9.77
CA PHE D 124 -1.65 23.74 -9.02
C PHE D 124 -1.54 25.13 -8.44
N ASP D 125 -1.82 26.13 -9.26
CA ASP D 125 -1.73 27.52 -8.88
C ASP D 125 -2.58 27.90 -7.69
N GLN D 126 -3.53 27.05 -7.33
CA GLN D 126 -4.37 27.36 -6.18
C GLN D 126 -3.71 27.04 -4.85
N TYR D 127 -2.74 26.12 -4.84
CA TYR D 127 -2.04 25.77 -3.59
C TYR D 127 -0.90 26.73 -3.29
N ILE D 128 -0.94 27.32 -2.10
CA ILE D 128 0.10 28.25 -1.66
C ILE D 128 1.16 27.58 -0.77
N ALA D 129 1.02 26.27 -0.55
CA ALA D 129 1.98 25.52 0.27
C ALA D 129 1.89 24.04 -0.02
N HIS D 130 3.04 23.37 0.01
CA HIS D 130 3.11 21.94 -0.22
C HIS D 130 3.91 21.29 0.90
N TRP D 131 3.21 20.77 1.91
CA TRP D 131 3.89 20.16 3.03
C TRP D 131 4.06 18.67 2.92
N ILE D 132 5.20 18.18 3.40
CA ILE D 132 5.46 16.75 3.37
C ILE D 132 5.56 16.21 4.81
N ILE D 133 4.85 15.13 5.09
CA ILE D 133 4.95 14.51 6.40
C ILE D 133 5.73 13.24 6.15
N GLY D 134 6.94 13.19 6.70
CA GLY D 134 7.79 12.02 6.51
C GLY D 134 7.85 11.10 7.73
N TYR D 135 7.63 9.81 7.47
CA TYR D 135 7.66 8.77 8.50
C TYR D 135 8.86 7.87 8.21
N VAL D 136 9.65 7.55 9.23
CA VAL D 136 10.82 6.69 9.05
C VAL D 136 10.81 5.57 10.08
N TYR D 137 10.88 4.34 9.62
CA TYR D 137 10.88 3.20 10.52
C TYR D 137 12.11 2.32 10.28
N THR D 138 12.23 1.28 11.10
CA THR D 138 13.35 0.35 10.99
C THR D 138 12.79 -1.05 10.89
N ARG D 139 13.20 -1.79 9.85
CA ARG D 139 12.75 -3.16 9.61
C ARG D 139 13.11 -4.10 10.76
N VAL D 140 12.24 -5.06 11.03
CA VAL D 140 12.51 -6.02 12.09
C VAL D 140 12.50 -7.47 11.59
N ALA D 141 12.22 -8.39 12.51
CA ALA D 141 12.19 -9.81 12.23
C ALA D 141 11.03 -10.19 11.32
N THR D 142 10.02 -9.34 11.28
CA THR D 142 8.86 -9.61 10.44
C THR D 142 8.25 -10.96 10.81
N ARG D 143 7.81 -11.05 12.08
CA ARG D 143 7.18 -12.26 12.60
C ARG D 143 8.08 -13.48 12.51
N LYS D 144 8.13 -14.10 11.33
CA LYS D 144 8.94 -15.29 11.15
C LYS D 144 8.40 -16.31 12.15
N SER D 145 7.14 -16.11 12.52
CA SER D 145 6.45 -16.97 13.46
C SER D 145 5.04 -16.42 13.63
N SER D 146 4.96 -15.13 13.93
CA SER D 146 3.67 -14.46 14.12
C SER D 146 2.91 -14.31 12.80
N LEU D 147 2.43 -15.43 12.28
CA LEU D 147 1.66 -15.45 11.04
C LEU D 147 0.22 -15.82 11.39
N LYS D 148 -0.09 -15.83 12.68
CA LYS D 148 -1.44 -16.18 13.10
C LYS D 148 -2.26 -14.93 13.42
N THR D 149 -3.54 -15.11 13.65
CA THR D 149 -4.41 -13.99 13.97
C THR D 149 -4.55 -13.93 15.49
N TYR D 150 -4.84 -12.74 16.01
CA TYR D 150 -4.99 -12.55 17.45
C TYR D 150 -6.38 -12.04 17.83
N ASN D 151 -6.59 -11.89 19.14
CA ASN D 151 -7.87 -11.39 19.65
C ASN D 151 -7.61 -10.19 20.55
N ILE D 152 -8.66 -9.39 20.77
CA ILE D 152 -8.55 -8.18 21.58
C ILE D 152 -7.86 -8.37 22.92
N ASN D 153 -7.88 -9.60 23.43
CA ASN D 153 -7.28 -9.92 24.72
C ASN D 153 -5.79 -10.27 24.61
N GLU D 154 -5.14 -9.89 23.51
CA GLU D 154 -3.73 -10.21 23.33
C GLU D 154 -2.96 -9.10 22.64
N LEU D 155 -3.49 -7.88 22.70
CA LEU D 155 -2.83 -6.74 22.07
C LEU D 155 -1.36 -6.65 22.38
N ASN D 156 -1.02 -6.62 23.66
CA ASN D 156 0.38 -6.51 24.05
C ASN D 156 1.23 -7.66 23.52
N GLU D 157 0.57 -8.73 23.11
CA GLU D 157 1.25 -9.92 22.59
C GLU D 157 1.71 -9.71 21.14
N ILE D 158 0.82 -9.17 20.32
CA ILE D 158 1.10 -8.92 18.91
C ILE D 158 2.42 -8.21 18.66
N PRO D 159 3.31 -8.84 17.87
CA PRO D 159 4.62 -8.26 17.55
C PRO D 159 4.51 -7.12 16.55
N LYS D 160 5.51 -6.24 16.56
CA LYS D 160 5.51 -5.08 15.69
C LYS D 160 6.54 -5.17 14.57
N PRO D 161 6.14 -4.86 13.32
CA PRO D 161 7.00 -4.91 12.15
C PRO D 161 7.97 -3.72 12.02
N TYR D 162 7.94 -2.85 13.01
CA TYR D 162 8.81 -1.68 13.02
C TYR D 162 9.53 -1.57 14.35
N LYS D 163 10.57 -0.73 14.39
CA LYS D 163 11.36 -0.56 15.61
C LYS D 163 11.42 0.91 16.03
N GLY D 164 12.11 1.73 15.24
CA GLY D 164 12.26 3.14 15.58
C GLY D 164 11.59 4.10 14.60
N VAL D 165 10.30 4.34 14.84
CA VAL D 165 9.49 5.20 14.00
C VAL D 165 9.54 6.69 14.38
N LYS D 166 10.03 7.51 13.45
CA LYS D 166 10.13 8.95 13.65
C LYS D 166 9.39 9.66 12.52
N VAL D 167 8.71 10.76 12.85
CA VAL D 167 7.95 11.53 11.88
C VAL D 167 8.41 12.99 11.87
N PHE D 168 8.20 13.67 10.75
CA PHE D 168 8.57 15.06 10.65
C PHE D 168 7.68 15.73 9.63
N LEU D 169 7.55 17.04 9.76
CA LEU D 169 6.74 17.82 8.83
C LEU D 169 7.68 18.89 8.27
N GLN D 170 7.64 19.11 6.96
CA GLN D 170 8.53 20.08 6.33
C GLN D 170 8.07 20.39 4.92
N ASP D 171 8.37 21.58 4.43
CA ASP D 171 8.01 21.99 3.08
C ASP D 171 8.73 21.11 2.05
N LYS D 172 8.03 20.73 0.99
CA LYS D 172 8.62 19.89 -0.06
C LYS D 172 9.88 20.50 -0.66
N TRP D 173 9.83 21.78 -1.00
CA TRP D 173 11.00 22.44 -1.60
C TRP D 173 12.18 22.52 -0.64
N VAL D 174 11.91 22.62 0.65
CA VAL D 174 12.96 22.72 1.63
C VAL D 174 13.80 21.44 1.77
N ILE D 175 13.20 20.28 1.55
CA ILE D 175 13.96 19.04 1.70
C ILE D 175 14.26 18.37 0.37
N ALA D 176 13.85 19.04 -0.69
CA ALA D 176 14.03 18.57 -2.05
C ALA D 176 15.49 18.54 -2.49
N GLY D 177 15.84 17.52 -3.26
CA GLY D 177 17.22 17.41 -3.73
C GLY D 177 17.30 17.72 -5.21
N ASP D 178 18.45 17.42 -5.81
CA ASP D 178 18.65 17.69 -7.23
C ASP D 178 18.79 16.40 -8.03
N LEU D 179 18.55 15.28 -7.36
CA LEU D 179 18.67 13.96 -7.98
C LEU D 179 17.31 13.29 -8.01
N ALA D 180 16.99 12.64 -9.12
CA ALA D 180 15.71 11.96 -9.24
C ALA D 180 15.57 10.82 -8.25
N GLY D 181 14.38 10.70 -7.67
CA GLY D 181 14.13 9.63 -6.72
C GLY D 181 13.58 8.40 -7.43
N SER D 182 13.22 8.55 -8.69
CA SER D 182 12.68 7.45 -9.49
C SER D 182 13.11 7.55 -10.94
N GLY D 183 13.19 6.40 -11.60
CA GLY D 183 13.58 6.39 -12.98
C GLY D 183 12.38 6.41 -13.91
N ASN D 184 11.68 5.29 -14.03
CA ASN D 184 10.51 5.26 -14.90
C ASN D 184 9.37 6.13 -14.42
N THR D 185 9.21 6.20 -13.10
CA THR D 185 8.12 6.99 -12.50
C THR D 185 8.46 8.46 -12.24
N THR D 186 9.54 8.93 -12.85
CA THR D 186 10.01 10.31 -12.78
C THR D 186 9.66 11.09 -11.52
N ASN D 187 10.02 10.54 -10.38
CA ASN D 187 9.75 11.17 -9.09
C ASN D 187 10.91 12.04 -8.61
N ILE D 188 10.55 13.09 -7.89
CA ILE D 188 11.53 13.99 -7.32
C ILE D 188 12.21 13.28 -6.14
N GLY D 189 13.49 13.50 -5.96
CA GLY D 189 14.19 12.88 -4.85
C GLY D 189 14.57 13.94 -3.83
N SER D 190 14.48 13.60 -2.55
CA SER D 190 14.82 14.54 -1.49
C SER D 190 16.32 14.53 -1.27
N ILE D 191 16.77 15.27 -0.27
CA ILE D 191 18.17 15.29 0.04
C ILE D 191 18.46 13.95 0.74
N HIS D 192 19.72 13.53 0.72
CA HIS D 192 20.08 12.29 1.36
C HIS D 192 20.87 12.64 2.61
N ALA D 193 20.19 12.57 3.75
CA ALA D 193 20.76 12.92 5.03
C ALA D 193 20.03 12.23 6.19
N HIS D 194 20.40 12.61 7.42
CA HIS D 194 19.81 12.06 8.64
C HIS D 194 18.43 12.69 8.92
N TYR D 195 17.62 12.02 9.72
CA TYR D 195 16.28 12.49 10.09
C TYR D 195 16.35 13.95 10.54
N LYS D 196 17.22 14.21 11.52
CA LYS D 196 17.43 15.55 12.07
C LYS D 196 17.53 16.62 10.98
N ASP D 197 18.34 16.38 9.95
CA ASP D 197 18.50 17.35 8.87
C ASP D 197 17.17 17.70 8.22
N PHE D 198 16.27 16.72 8.10
CA PHE D 198 14.97 17.00 7.52
C PHE D 198 14.15 17.93 8.43
N VAL D 199 14.14 17.63 9.71
CA VAL D 199 13.40 18.46 10.66
C VAL D 199 13.95 19.87 10.55
N GLU D 200 15.25 20.02 10.79
CA GLU D 200 15.88 21.33 10.71
C GLU D 200 15.83 21.87 9.28
N GLY D 201 15.30 21.06 8.36
CA GLY D 201 15.20 21.48 6.97
C GLY D 201 16.48 21.98 6.35
N LYS D 202 17.53 21.16 6.35
CA LYS D 202 18.81 21.59 5.78
C LYS D 202 18.91 21.21 4.31
N GLY D 203 17.92 21.61 3.53
CA GLY D 203 17.94 21.31 2.11
C GLY D 203 19.03 22.01 1.33
N ILE D 204 18.91 21.93 0.00
CA ILE D 204 19.88 22.52 -0.92
C ILE D 204 19.31 23.69 -1.71
N PHE D 205 18.00 23.87 -1.66
CA PHE D 205 17.39 24.97 -2.41
C PHE D 205 17.12 26.16 -1.52
N ASP D 206 17.43 27.34 -2.01
CA ASP D 206 17.23 28.56 -1.23
C ASP D 206 15.77 28.99 -1.08
N SER D 207 15.02 28.96 -2.18
CA SER D 207 13.61 29.32 -2.10
C SER D 207 12.86 28.26 -2.87
N GLU D 208 11.55 28.40 -2.90
CA GLU D 208 10.69 27.48 -3.62
C GLU D 208 10.83 27.63 -5.14
N ASP D 209 11.08 28.84 -5.63
CA ASP D 209 11.23 29.07 -7.08
C ASP D 209 12.44 28.31 -7.59
N GLU D 210 13.52 28.34 -6.81
CA GLU D 210 14.73 27.62 -7.18
C GLU D 210 14.32 26.16 -7.34
N PHE D 211 13.55 25.64 -6.38
CA PHE D 211 13.09 24.25 -6.43
C PHE D 211 12.31 23.93 -7.71
N LEU D 212 11.26 24.70 -7.97
CA LEU D 212 10.39 24.53 -9.13
C LEU D 212 11.14 24.71 -10.43
N ASP D 213 11.91 25.78 -10.48
CA ASP D 213 12.68 26.08 -11.65
C ASP D 213 13.58 24.92 -12.01
N TYR D 214 14.20 24.32 -11.00
CA TYR D 214 15.10 23.22 -11.26
C TYR D 214 14.40 21.98 -11.79
N TRP D 215 13.38 21.54 -11.07
CA TRP D 215 12.67 20.36 -11.47
C TRP D 215 11.71 20.50 -12.64
N ARG D 216 11.60 21.68 -13.23
CA ARG D 216 10.73 21.88 -14.37
C ARG D 216 11.56 21.81 -15.66
N ASN D 217 12.88 21.95 -15.50
CA ASN D 217 13.80 21.90 -16.63
C ASN D 217 14.66 20.64 -16.53
N TYR D 218 14.31 19.78 -15.59
CA TYR D 218 15.02 18.53 -15.33
C TYR D 218 14.77 17.50 -16.45
N GLU D 219 15.79 16.72 -16.79
CA GLU D 219 15.65 15.71 -17.82
C GLU D 219 16.13 14.34 -17.37
CA CA E . 1.87 -8.71 -4.92
#